data_5XJ8
#
_entry.id   5XJ8
#
_cell.length_a   123.888
_cell.length_b   40.895
_cell.length_c   91.705
_cell.angle_alpha   90.00
_cell.angle_beta   95.59
_cell.angle_gamma   90.00
#
_symmetry.space_group_name_H-M   'C 1 2 1'
#
loop_
_entity.id
_entity.type
_entity.pdbx_description
1 polymer 'Glycerol-3-phosphate acyltransferase'
2 non-polymer 'PHOSPHATE ION'
3 non-polymer '(2R)-2-hydroxy-3-(phosphonooxy)propyl hexadecanoate'
4 water water
#
_entity_poly.entity_id   1
_entity_poly.type   'polypeptide(L)'
_entity_poly.pdbx_seq_one_letter_code
;(FME)GSALFLVIFAYLLGSITFGEVIAKLKGVDLRNVGSGNVGATNVTRALGKKYGVLVFFLDFLKGFIPALIAVKSFG
IDSWVLTFTGLASVLGHMYPVFFGFKGGKGVATALGVVFAVSPSVALFSFLVWLGIFLWKRYVSLASITATISAFLFLFV
AGYPVNVLFMAIVIGALIIYRHRENINRLLTGREHRFGTLEVLFQ
;
_entity_poly.pdbx_strand_id   A,B
#
# COMPACT_ATOMS: atom_id res chain seq x y z
N GLY A 2 9.97 10.64 31.92
CA GLY A 2 9.33 11.94 31.91
C GLY A 2 8.28 12.07 30.83
N SER A 3 8.61 12.77 29.75
CA SER A 3 7.68 12.89 28.63
C SER A 3 7.39 11.55 27.97
N ALA A 4 8.28 10.57 28.13
CA ALA A 4 8.02 9.24 27.60
C ALA A 4 6.88 8.56 28.36
N LEU A 5 6.86 8.70 29.68
CA LEU A 5 5.79 8.11 30.48
C LEU A 5 4.44 8.74 30.11
N PHE A 6 4.42 10.05 29.86
CA PHE A 6 3.19 10.71 29.44
C PHE A 6 2.64 10.09 28.17
N LEU A 7 3.51 9.75 27.23
CA LEU A 7 3.05 9.17 25.97
C LEU A 7 2.49 7.76 26.17
N VAL A 8 3.14 6.96 27.03
CA VAL A 8 2.67 5.60 27.27
C VAL A 8 1.30 5.62 27.94
N ILE A 9 1.14 6.45 28.97
CA ILE A 9 -0.15 6.53 29.66
C ILE A 9 -1.22 7.10 28.73
N PHE A 10 -0.86 8.10 27.92
CA PHE A 10 -1.80 8.62 26.94
C PHE A 10 -2.18 7.54 25.93
N ALA A 11 -1.20 6.72 25.54
CA ALA A 11 -1.50 5.62 24.61
C ALA A 11 -2.48 4.63 25.23
N TYR A 12 -2.32 4.32 26.51
CA TYR A 12 -3.25 3.40 27.16
C TYR A 12 -4.64 4.02 27.27
N LEU A 13 -4.72 5.28 27.70
CA LEU A 13 -6.02 5.94 27.86
C LEU A 13 -6.74 6.05 26.53
N LEU A 14 -6.03 6.48 25.49
CA LEU A 14 -6.63 6.55 24.16
C LEU A 14 -7.08 5.18 23.68
N GLY A 15 -6.24 4.16 23.90
CA GLY A 15 -6.63 2.81 23.50
C GLY A 15 -7.82 2.28 24.27
N SER A 16 -8.04 2.79 25.48
CA SER A 16 -9.19 2.39 26.28
C SER A 16 -10.52 2.88 25.69
N ILE A 17 -10.48 3.69 24.64
CA ILE A 17 -11.69 4.15 23.96
C ILE A 17 -12.04 3.07 22.94
N THR A 18 -12.87 2.12 23.36
CA THR A 18 -13.36 1.09 22.44
C THR A 18 -14.49 1.70 21.60
N PHE A 19 -14.29 1.74 20.29
CA PHE A 19 -15.06 2.64 19.44
C PHE A 19 -16.34 2.02 18.89
N GLY A 20 -16.36 0.72 18.65
CA GLY A 20 -17.63 0.07 18.36
C GLY A 20 -18.70 0.44 19.34
N GLU A 21 -18.42 0.24 20.63
CA GLU A 21 -19.26 0.69 21.72
C GLU A 21 -19.77 2.12 21.55
N VAL A 22 -18.84 3.08 21.45
CA VAL A 22 -19.25 4.48 21.47
C VAL A 22 -19.98 4.86 20.19
N ILE A 23 -19.69 4.20 19.07
CA ILE A 23 -20.46 4.44 17.85
C ILE A 23 -21.69 3.54 17.75
N ALA A 24 -21.68 2.37 18.40
CA ALA A 24 -22.92 1.61 18.52
C ALA A 24 -23.96 2.38 19.31
N LYS A 25 -23.55 3.01 20.41
CA LYS A 25 -24.48 3.78 21.24
C LYS A 25 -24.85 5.11 20.58
N LEU A 26 -23.99 5.64 19.72
CA LEU A 26 -24.34 6.82 18.95
C LEU A 26 -25.60 6.57 18.12
N LYS A 27 -25.54 5.58 17.22
CA LYS A 27 -26.71 5.24 16.42
C LYS A 27 -27.75 4.50 17.25
N GLY A 28 -27.34 3.78 18.29
CA GLY A 28 -28.29 3.32 19.28
C GLY A 28 -28.44 1.82 19.49
N VAL A 29 -27.53 1.02 18.97
CA VAL A 29 -27.58 -0.41 19.18
C VAL A 29 -26.62 -0.79 20.31
N ASP A 30 -26.75 -2.00 20.81
CA ASP A 30 -26.02 -2.43 21.99
C ASP A 30 -25.01 -3.53 21.68
N GLY A 35 -24.99 -9.78 18.86
CA GLY A 35 -24.67 -11.13 18.44
C GLY A 35 -23.61 -11.76 19.31
N SER A 36 -22.35 -11.63 18.88
CA SER A 36 -21.23 -12.05 19.72
C SER A 36 -21.14 -11.24 21.00
N GLY A 37 -21.73 -10.04 21.01
CA GLY A 37 -21.63 -9.15 22.15
C GLY A 37 -20.31 -8.43 22.27
N ASN A 38 -19.43 -8.56 21.28
CA ASN A 38 -18.07 -8.05 21.38
C ASN A 38 -17.99 -6.59 20.95
N VAL A 39 -16.88 -5.97 21.31
CA VAL A 39 -16.57 -4.60 20.90
C VAL A 39 -15.55 -4.63 19.77
N GLY A 40 -16.00 -4.90 18.57
CA GLY A 40 -15.11 -5.03 17.43
C GLY A 40 -15.74 -4.53 16.15
N ALA A 41 -14.88 -4.11 15.22
CA ALA A 41 -15.37 -3.67 13.92
C ALA A 41 -16.17 -4.77 13.24
N THR A 42 -15.69 -6.01 13.32
CA THR A 42 -16.44 -7.13 12.78
C THR A 42 -17.80 -7.24 13.45
N ASN A 43 -17.85 -7.06 14.78
CA ASN A 43 -19.11 -7.09 15.51
C ASN A 43 -19.89 -5.79 15.37
N VAL A 44 -19.32 -4.78 14.71
CA VAL A 44 -20.11 -3.58 14.43
C VAL A 44 -20.77 -3.70 13.06
N THR A 45 -20.03 -4.25 12.09
CA THR A 45 -20.63 -4.63 10.81
C THR A 45 -21.74 -5.65 11.01
N ARG A 46 -21.51 -6.62 11.91
CA ARG A 46 -22.59 -7.40 12.53
C ARG A 46 -23.89 -6.63 12.64
N ALA A 47 -23.85 -5.41 13.17
CA ALA A 47 -25.03 -4.79 13.77
C ALA A 47 -25.55 -3.60 13.00
N LEU A 48 -24.68 -2.66 12.63
CA LEU A 48 -25.07 -1.43 11.96
C LEU A 48 -24.67 -1.39 10.49
N GLY A 49 -24.11 -2.47 9.97
CA GLY A 49 -23.70 -2.52 8.58
C GLY A 49 -22.22 -2.23 8.42
N LYS A 50 -21.69 -2.59 7.25
CA LYS A 50 -20.26 -2.45 6.98
C LYS A 50 -19.81 -1.01 7.06
N LYS A 51 -20.68 -0.06 6.72
CA LYS A 51 -20.28 1.33 6.64
C LYS A 51 -19.90 1.89 8.01
N TYR A 52 -20.44 1.31 9.08
CA TYR A 52 -20.06 1.72 10.43
C TYR A 52 -18.96 0.86 11.01
N GLY A 53 -18.92 -0.43 10.65
CA GLY A 53 -17.81 -1.27 11.06
C GLY A 53 -16.48 -0.84 10.47
N VAL A 54 -16.51 -0.33 9.23
CA VAL A 54 -15.29 0.22 8.63
C VAL A 54 -14.81 1.43 9.42
N LEU A 55 -15.74 2.33 9.77
CA LEU A 55 -15.39 3.48 10.57
C LEU A 55 -14.83 3.07 11.93
N VAL A 56 -15.45 2.06 12.54
CA VAL A 56 -14.95 1.56 13.83
C VAL A 56 -13.57 0.95 13.66
N PHE A 57 -13.34 0.24 12.56
CA PHE A 57 -12.00 -0.28 12.30
C PHE A 57 -10.99 0.84 12.14
N PHE A 58 -11.39 1.91 11.45
CA PHE A 58 -10.48 3.04 11.25
C PHE A 58 -10.15 3.73 12.58
N LEU A 59 -11.15 3.90 13.45
CA LEU A 59 -10.92 4.58 14.71
C LEU A 59 -10.06 3.75 15.64
N ASP A 60 -10.36 2.45 15.77
CA ASP A 60 -9.49 1.57 16.54
C ASP A 60 -8.10 1.48 15.93
N PHE A 61 -8.00 1.61 14.60
CA PHE A 61 -6.70 1.69 13.96
C PHE A 61 -5.95 2.94 14.38
N LEU A 62 -6.66 4.07 14.49
CA LEU A 62 -5.99 5.34 14.74
C LEU A 62 -5.44 5.42 16.16
N LYS A 63 -6.15 4.84 17.13
CA LYS A 63 -5.67 4.94 18.51
C LYS A 63 -4.42 4.10 18.76
N GLY A 64 -4.06 3.21 17.84
CA GLY A 64 -2.79 2.53 17.92
C GLY A 64 -1.76 3.21 17.03
N PHE A 65 -2.23 3.83 15.96
CA PHE A 65 -1.35 4.50 15.01
C PHE A 65 -0.84 5.83 15.54
N ILE A 66 -1.73 6.63 16.14
CA ILE A 66 -1.41 8.00 16.52
C ILE A 66 -0.32 8.06 17.59
N PRO A 67 -0.45 7.37 18.74
CA PRO A 67 0.64 7.44 19.72
C PRO A 67 1.92 6.79 19.24
N ALA A 68 1.83 5.75 18.40
CA ALA A 68 3.02 5.09 17.89
C ALA A 68 3.77 5.96 16.90
N LEU A 69 3.06 6.80 16.14
CA LEU A 69 3.75 7.72 15.24
C LEU A 69 4.47 8.82 16.01
N ILE A 70 3.88 9.26 17.12
CA ILE A 70 4.55 10.24 17.97
C ILE A 70 5.81 9.63 18.57
N ALA A 71 5.74 8.37 19.00
CA ALA A 71 6.91 7.70 19.55
C ALA A 71 8.02 7.58 18.52
N VAL A 72 7.67 7.22 17.28
CA VAL A 72 8.68 7.10 16.23
C VAL A 72 9.29 8.47 15.93
N LYS A 73 8.45 9.49 15.80
CA LYS A 73 8.94 10.80 15.41
C LYS A 73 9.73 11.48 16.54
N SER A 74 9.27 11.32 17.77
CA SER A 74 9.88 12.02 18.90
C SER A 74 10.99 11.23 19.57
N PHE A 75 10.99 9.91 19.47
CA PHE A 75 12.01 9.09 20.12
C PHE A 75 12.79 8.19 19.18
N GLY A 76 12.25 7.86 18.03
CA GLY A 76 12.97 7.05 17.07
C GLY A 76 12.43 5.63 17.00
N ILE A 77 12.52 5.04 15.81
CA ILE A 77 12.09 3.66 15.62
C ILE A 77 12.93 2.70 16.44
N ASP A 78 14.10 3.14 16.91
CA ASP A 78 14.94 2.30 17.75
CA ASP A 78 15.00 2.37 17.76
C ASP A 78 14.61 2.42 19.23
N SER A 79 13.79 3.38 19.62
CA SER A 79 13.53 3.66 21.03
C SER A 79 12.61 2.62 21.65
N TRP A 80 12.88 2.27 22.90
CA TRP A 80 11.99 1.44 23.68
C TRP A 80 10.77 2.20 24.18
N VAL A 81 10.77 3.53 24.07
CA VAL A 81 9.56 4.30 24.31
C VAL A 81 8.46 3.86 23.35
N LEU A 82 8.83 3.57 22.10
CA LEU A 82 7.87 3.08 21.13
C LEU A 82 7.37 1.69 21.48
N THR A 83 8.23 0.85 22.06
CA THR A 83 7.82 -0.50 22.44
C THR A 83 6.67 -0.46 23.44
N PHE A 84 6.80 0.37 24.48
CA PHE A 84 5.77 0.47 25.50
C PHE A 84 4.60 1.32 25.06
N THR A 85 4.80 2.22 24.09
CA THR A 85 3.68 3.02 23.58
C THR A 85 2.74 2.16 22.73
N GLY A 86 3.30 1.39 21.78
CA GLY A 86 2.47 0.48 21.01
C GLY A 86 1.87 -0.61 21.86
N LEU A 87 2.54 -0.99 22.95
CA LEU A 87 1.97 -1.96 23.87
C LEU A 87 0.80 -1.37 24.65
N ALA A 88 0.92 -0.10 25.07
CA ALA A 88 -0.12 0.52 25.86
C ALA A 88 -1.40 0.70 25.06
N SER A 89 -1.28 1.02 23.77
CA SER A 89 -2.46 1.20 22.93
C SER A 89 -3.25 -0.09 22.80
N VAL A 90 -2.55 -1.20 22.55
CA VAL A 90 -3.23 -2.48 22.40
C VAL A 90 -3.80 -2.94 23.75
N LEU A 91 -3.03 -2.79 24.82
CA LEU A 91 -3.53 -3.13 26.15
C LEU A 91 -4.72 -2.27 26.54
N GLY A 92 -4.74 -1.01 26.11
CA GLY A 92 -5.92 -0.18 26.32
C GLY A 92 -7.13 -0.73 25.60
N HIS A 93 -6.94 -1.22 24.37
CA HIS A 93 -8.07 -1.80 23.65
C HIS A 93 -8.50 -3.13 24.23
N MET A 94 -7.55 -3.92 24.75
CA MET A 94 -7.88 -5.21 25.31
C MET A 94 -8.47 -5.10 26.71
N TYR A 95 -7.96 -4.17 27.51
CA TYR A 95 -8.40 -3.96 28.89
C TYR A 95 -8.72 -2.48 29.10
N PRO A 96 -9.83 -2.00 28.51
CA PRO A 96 -10.13 -0.56 28.55
C PRO A 96 -10.54 -0.13 29.95
N VAL A 97 -9.79 0.85 30.50
CA VAL A 97 -10.06 1.34 31.83
C VAL A 97 -11.44 1.99 31.92
N PHE A 98 -11.98 2.47 30.79
CA PHE A 98 -13.28 3.13 30.79
C PHE A 98 -14.45 2.16 30.78
N PHE A 99 -14.21 0.86 30.58
CA PHE A 99 -15.28 -0.11 30.41
C PHE A 99 -15.05 -1.34 31.28
N GLY A 100 -14.55 -1.14 32.49
CA GLY A 100 -14.28 -2.25 33.38
C GLY A 100 -13.26 -3.23 32.87
N PHE A 101 -12.35 -2.79 31.98
CA PHE A 101 -11.29 -3.61 31.40
C PHE A 101 -11.85 -4.74 30.53
N LYS A 102 -13.07 -4.56 30.01
CA LYS A 102 -13.69 -5.51 29.08
C LYS A 102 -13.56 -4.92 27.68
N GLY A 103 -12.64 -5.47 26.89
CA GLY A 103 -12.39 -4.93 25.57
C GLY A 103 -12.32 -5.95 24.46
N GLY A 104 -11.81 -5.53 23.30
CA GLY A 104 -11.72 -6.38 22.13
C GLY A 104 -10.43 -7.16 22.07
N LYS A 105 -10.08 -7.57 20.85
CA LYS A 105 -8.92 -8.43 20.62
C LYS A 105 -7.72 -7.66 20.09
N GLY A 106 -7.87 -6.38 19.77
CA GLY A 106 -6.74 -5.52 19.46
C GLY A 106 -6.14 -5.69 18.09
N VAL A 107 -6.82 -6.35 17.16
CA VAL A 107 -6.26 -6.55 15.83
C VAL A 107 -6.12 -5.22 15.09
N ALA A 108 -7.20 -4.44 15.03
CA ALA A 108 -7.15 -3.16 14.34
C ALA A 108 -6.18 -2.20 15.01
N THR A 109 -6.17 -2.18 16.34
CA THR A 109 -5.24 -1.31 17.06
C THR A 109 -3.79 -1.73 16.83
N ALA A 110 -3.52 -3.03 16.83
CA ALA A 110 -2.17 -3.51 16.56
C ALA A 110 -1.74 -3.22 15.14
N LEU A 111 -2.67 -3.28 14.19
CA LEU A 111 -2.34 -2.90 12.82
C LEU A 111 -1.93 -1.43 12.74
N GLY A 112 -2.61 -0.57 13.51
CA GLY A 112 -2.21 0.82 13.56
C GLY A 112 -0.80 1.00 14.10
N VAL A 113 -0.42 0.17 15.06
CA VAL A 113 0.92 0.26 15.65
C VAL A 113 1.98 -0.11 14.61
N VAL A 114 1.78 -1.22 13.90
CA VAL A 114 2.78 -1.67 12.95
C VAL A 114 2.82 -0.75 11.73
N PHE A 115 1.71 -0.08 11.41
CA PHE A 115 1.71 0.82 10.26
C PHE A 115 2.55 2.05 10.53
N ALA A 116 2.51 2.58 11.76
CA ALA A 116 3.36 3.71 12.10
C ALA A 116 4.83 3.31 12.15
N VAL A 117 5.11 2.05 12.47
CA VAL A 117 6.48 1.57 12.46
C VAL A 117 6.91 1.19 11.06
N SER A 118 6.09 0.40 10.37
CA SER A 118 6.43 -0.12 9.05
C SER A 118 5.17 -0.16 8.20
N PRO A 119 4.96 0.83 7.34
CA PRO A 119 3.82 0.77 6.41
C PRO A 119 3.89 -0.44 5.48
N SER A 120 5.09 -0.93 5.18
CA SER A 120 5.21 -2.07 4.28
CA SER A 120 5.22 -2.08 4.28
C SER A 120 4.77 -3.36 4.96
N VAL A 121 5.24 -3.61 6.18
CA VAL A 121 4.87 -4.82 6.90
C VAL A 121 3.37 -4.82 7.19
N ALA A 122 2.80 -3.65 7.49
CA ALA A 122 1.37 -3.57 7.78
C ALA A 122 0.54 -4.01 6.58
N LEU A 123 0.86 -3.47 5.39
CA LEU A 123 0.10 -3.82 4.20
C LEU A 123 0.36 -5.27 3.79
N PHE A 124 1.60 -5.75 3.97
CA PHE A 124 1.88 -7.16 3.70
C PHE A 124 1.07 -8.06 4.62
N SER A 125 1.00 -7.71 5.92
CA SER A 125 0.20 -8.48 6.85
C SER A 125 -1.29 -8.40 6.52
N PHE A 126 -1.74 -7.24 6.02
CA PHE A 126 -3.13 -7.13 5.59
C PHE A 126 -3.40 -7.99 4.37
N LEU A 127 -2.41 -8.15 3.48
CA LEU A 127 -2.55 -9.09 2.37
C LEU A 127 -2.71 -10.52 2.89
N VAL A 128 -1.91 -10.90 3.89
CA VAL A 128 -2.01 -12.23 4.46
C VAL A 128 -3.40 -12.46 5.06
N TRP A 129 -3.91 -11.46 5.78
CA TRP A 129 -5.23 -11.57 6.38
C TRP A 129 -6.31 -11.76 5.31
N LEU A 130 -6.26 -10.94 4.26
CA LEU A 130 -7.26 -11.04 3.19
C LEU A 130 -7.22 -12.40 2.52
N GLY A 131 -6.01 -12.89 2.21
CA GLY A 131 -5.89 -14.19 1.58
C GLY A 131 -6.45 -15.31 2.42
N ILE A 132 -6.05 -15.37 3.70
CA ILE A 132 -6.53 -16.42 4.58
C ILE A 132 -8.03 -16.32 4.79
N PHE A 133 -8.56 -15.10 4.85
CA PHE A 133 -10.00 -14.94 5.04
C PHE A 133 -10.77 -15.34 3.78
N LEU A 134 -10.29 -14.92 2.61
CA LEU A 134 -10.96 -15.33 1.37
C LEU A 134 -10.83 -16.83 1.15
N TRP A 135 -9.69 -17.41 1.54
CA TRP A 135 -9.44 -18.82 1.28
C TRP A 135 -10.28 -19.71 2.20
N LYS A 136 -10.16 -19.52 3.51
CA LYS A 136 -10.75 -20.44 4.47
C LYS A 136 -11.97 -19.90 5.20
N ARG A 137 -12.21 -18.60 5.15
CA ARG A 137 -13.48 -17.96 5.51
C ARG A 137 -13.71 -17.81 7.00
N TYR A 138 -12.67 -17.89 7.82
CA TYR A 138 -12.74 -17.57 9.24
C TYR A 138 -12.01 -16.25 9.49
N VAL A 139 -12.69 -15.33 10.17
CA VAL A 139 -12.03 -14.07 10.54
C VAL A 139 -10.90 -14.32 11.52
N SER A 140 -11.13 -15.18 12.52
CA SER A 140 -10.13 -15.41 13.56
C SER A 140 -8.90 -16.12 13.00
N LEU A 141 -9.10 -17.12 12.14
CA LEU A 141 -7.95 -17.81 11.55
C LEU A 141 -7.10 -16.86 10.72
N ALA A 142 -7.73 -15.88 10.06
CA ALA A 142 -6.96 -14.90 9.32
C ALA A 142 -6.22 -13.95 10.25
N SER A 143 -6.84 -13.57 11.36
CA SER A 143 -6.21 -12.63 12.28
C SER A 143 -5.02 -13.27 12.99
N ILE A 144 -5.12 -14.55 13.30
CA ILE A 144 -3.99 -15.24 13.94
C ILE A 144 -2.84 -15.41 12.96
N THR A 145 -3.15 -15.79 11.71
CA THR A 145 -2.09 -16.00 10.72
C THR A 145 -1.43 -14.67 10.33
N ALA A 146 -2.22 -13.61 10.16
CA ALA A 146 -1.65 -12.31 9.82
C ALA A 146 -0.84 -11.74 10.97
N THR A 147 -1.24 -12.03 12.21
CA THR A 147 -0.45 -11.60 13.37
C THR A 147 0.93 -12.25 13.34
N ILE A 148 0.99 -13.56 13.11
CA ILE A 148 2.25 -14.27 13.10
C ILE A 148 3.12 -13.82 11.94
N SER A 149 2.53 -13.67 10.75
CA SER A 149 3.29 -13.22 9.59
CA SER A 149 3.29 -13.22 9.59
C SER A 149 3.86 -11.82 9.80
N ALA A 150 3.15 -10.97 10.56
CA ALA A 150 3.63 -9.62 10.80
C ALA A 150 4.95 -9.63 11.54
N PHE A 151 5.07 -10.44 12.58
CA PHE A 151 6.35 -10.54 13.29
C PHE A 151 7.42 -11.14 12.40
N LEU A 152 7.06 -12.13 11.57
CA LEU A 152 8.02 -12.71 10.64
C LEU A 152 8.48 -11.66 9.62
N PHE A 153 7.55 -10.80 9.17
CA PHE A 153 7.94 -9.75 8.24
C PHE A 153 8.87 -8.75 8.89
N LEU A 154 8.60 -8.37 10.14
CA LEU A 154 9.48 -7.45 10.86
C LEU A 154 10.85 -8.08 11.09
N PHE A 155 10.88 -9.39 11.35
CA PHE A 155 12.14 -10.07 11.62
C PHE A 155 13.02 -10.11 10.37
N VAL A 156 12.50 -10.68 9.28
CA VAL A 156 13.32 -10.86 8.08
C VAL A 156 13.72 -9.52 7.48
N ALA A 157 12.91 -8.47 7.69
CA ALA A 157 13.27 -7.15 7.20
C ALA A 157 14.36 -6.50 8.03
N GLY A 158 14.66 -7.03 9.22
CA GLY A 158 15.74 -6.52 10.03
C GLY A 158 15.39 -5.35 10.92
N TYR A 159 14.17 -5.30 11.42
CA TYR A 159 13.78 -4.20 12.30
C TYR A 159 14.46 -4.37 13.66
N PRO A 160 14.64 -3.27 14.40
CA PRO A 160 15.41 -3.34 15.65
C PRO A 160 14.73 -4.20 16.69
N VAL A 161 15.51 -4.53 17.73
CA VAL A 161 15.07 -5.50 18.72
C VAL A 161 13.94 -4.94 19.59
N ASN A 162 13.88 -3.62 19.75
CA ASN A 162 12.75 -3.03 20.48
C ASN A 162 11.44 -3.27 19.75
N VAL A 163 11.47 -3.28 18.41
CA VAL A 163 10.27 -3.52 17.62
C VAL A 163 9.93 -5.00 17.60
N LEU A 164 10.93 -5.86 17.50
CA LEU A 164 10.69 -7.30 17.52
C LEU A 164 10.10 -7.75 18.85
N PHE A 165 10.62 -7.20 19.96
CA PHE A 165 10.05 -7.50 21.27
C PHE A 165 8.61 -7.02 21.37
N MET A 166 8.33 -5.81 20.86
CA MET A 166 6.97 -5.29 20.90
C MET A 166 6.03 -6.17 20.09
N ALA A 167 6.48 -6.64 18.92
CA ALA A 167 5.61 -7.46 18.08
C ALA A 167 5.35 -8.83 18.71
N ILE A 168 6.35 -9.39 19.39
CA ILE A 168 6.15 -10.68 20.05
C ILE A 168 5.12 -10.55 21.16
N VAL A 169 5.27 -9.55 22.03
CA VAL A 169 4.37 -9.38 23.15
C VAL A 169 2.97 -9.02 22.67
N ILE A 170 2.87 -8.08 21.72
CA ILE A 170 1.56 -7.73 21.18
C ILE A 170 0.95 -8.91 20.43
N GLY A 171 1.77 -9.62 19.65
CA GLY A 171 1.27 -10.80 18.96
C GLY A 171 0.78 -11.86 19.92
N ALA A 172 1.57 -12.14 20.96
CA ALA A 172 1.17 -13.14 21.95
C ALA A 172 -0.14 -12.77 22.63
N LEU A 173 -0.30 -11.48 22.97
CA LEU A 173 -1.54 -11.04 23.57
C LEU A 173 -2.72 -11.26 22.62
N ILE A 174 -2.55 -10.92 21.35
CA ILE A 174 -3.63 -11.09 20.37
C ILE A 174 -3.99 -12.56 20.23
N ILE A 175 -2.98 -13.41 20.04
CA ILE A 175 -3.21 -14.85 19.95
C ILE A 175 -3.92 -15.35 21.20
N TYR A 176 -3.50 -14.84 22.37
CA TYR A 176 -4.13 -15.24 23.62
C TYR A 176 -5.57 -14.77 23.69
N ARG A 177 -5.86 -13.57 23.21
CA ARG A 177 -7.24 -13.10 23.15
C ARG A 177 -8.09 -13.89 22.18
N HIS A 178 -7.46 -14.72 21.33
CA HIS A 178 -8.17 -15.60 20.41
C HIS A 178 -8.24 -17.03 20.92
N ARG A 179 -7.96 -17.25 22.21
CA ARG A 179 -7.94 -18.61 22.74
C ARG A 179 -9.30 -19.28 22.63
N GLU A 180 -10.38 -18.50 22.81
CA GLU A 180 -11.72 -19.05 22.63
C GLU A 180 -11.98 -19.34 21.16
N ASN A 181 -11.51 -18.47 20.27
CA ASN A 181 -11.64 -18.73 18.84
C ASN A 181 -10.87 -19.97 18.44
N ILE A 182 -9.67 -20.17 19.01
CA ILE A 182 -8.87 -21.34 18.66
C ILE A 182 -9.55 -22.62 19.12
N ASN A 183 -10.15 -22.60 20.32
CA ASN A 183 -10.88 -23.78 20.79
C ASN A 183 -12.01 -24.13 19.84
N ARG A 184 -12.82 -23.14 19.46
CA ARG A 184 -13.92 -23.40 18.55
C ARG A 184 -13.44 -23.77 17.15
N LEU A 185 -12.29 -23.22 16.73
CA LEU A 185 -11.72 -23.59 15.44
C LEU A 185 -11.42 -25.08 15.38
N LEU A 186 -10.81 -25.62 16.45
CA LEU A 186 -10.42 -27.02 16.47
C LEU A 186 -11.59 -27.96 16.77
N THR A 187 -12.65 -27.47 17.41
CA THR A 187 -13.82 -28.27 17.69
C THR A 187 -14.96 -28.02 16.70
N GLY A 188 -14.69 -27.28 15.62
CA GLY A 188 -15.71 -27.04 14.60
C GLY A 188 -16.86 -26.19 15.04
N ARG A 189 -16.68 -25.35 16.05
CA ARG A 189 -17.74 -24.49 16.57
C ARG A 189 -17.52 -23.01 16.21
N GLU A 190 -16.57 -22.72 15.34
CA GLU A 190 -16.30 -21.34 14.96
C GLU A 190 -17.15 -20.94 13.76
N HIS A 191 -17.72 -19.73 13.82
CA HIS A 191 -18.55 -19.24 12.74
C HIS A 191 -17.71 -19.10 11.46
N ARG A 192 -18.32 -19.44 10.33
CA ARG A 192 -17.68 -19.36 9.03
C ARG A 192 -18.59 -18.62 8.08
N PHE A 193 -17.99 -17.83 7.19
CA PHE A 193 -18.78 -17.09 6.21
C PHE A 193 -19.14 -17.99 5.04
N GLY A 194 -20.26 -17.67 4.39
CA GLY A 194 -20.69 -18.46 3.26
C GLY A 194 -19.70 -18.42 2.12
N THR A 195 -19.72 -19.48 1.30
CA THR A 195 -18.82 -19.54 0.15
C THR A 195 -18.98 -18.33 -0.75
N LEU A 196 -20.22 -17.86 -0.92
CA LEU A 196 -20.49 -16.63 -1.64
C LEU A 196 -20.51 -15.40 -0.73
N GLU A 197 -20.79 -15.60 0.56
CA GLU A 197 -20.86 -14.47 1.49
C GLU A 197 -19.54 -13.73 1.60
N VAL A 198 -18.42 -14.42 1.36
CA VAL A 198 -17.11 -13.78 1.51
C VAL A 198 -16.84 -12.81 0.37
N LEU A 199 -17.26 -13.17 -0.84
CA LEU A 199 -16.98 -12.31 -1.99
C LEU A 199 -17.83 -11.04 -1.93
N PHE A 200 -19.07 -11.15 -1.47
CA PHE A 200 -19.91 -9.98 -1.25
C PHE A 200 -19.60 -9.27 0.06
N GLN A 201 -18.58 -9.71 0.80
CA GLN A 201 -18.23 -9.08 2.06
C GLN A 201 -17.36 -7.84 1.83
N GLY B 2 -13.51 -6.99 -0.90
CA GLY B 2 -12.71 -8.07 -0.34
C GLY B 2 -11.61 -8.54 -1.26
N SER B 3 -12.01 -9.25 -2.33
CA SER B 3 -11.03 -9.68 -3.33
C SER B 3 -10.41 -8.49 -4.04
N ALA B 4 -11.20 -7.44 -4.28
CA ALA B 4 -10.69 -6.24 -4.94
C ALA B 4 -9.65 -5.54 -4.07
N LEU B 5 -9.93 -5.40 -2.77
CA LEU B 5 -8.97 -4.80 -1.86
C LEU B 5 -7.65 -5.55 -1.87
N PHE B 6 -7.71 -6.89 -1.91
CA PHE B 6 -6.49 -7.68 -2.02
C PHE B 6 -5.70 -7.31 -3.27
N LEU B 7 -6.38 -7.22 -4.41
CA LEU B 7 -5.71 -6.91 -5.66
C LEU B 7 -5.13 -5.50 -5.67
N VAL B 8 -5.88 -4.53 -5.14
CA VAL B 8 -5.41 -3.15 -5.14
C VAL B 8 -4.17 -3.00 -4.27
N ILE B 9 -4.17 -3.63 -3.08
CA ILE B 9 -3.00 -3.58 -2.22
C ILE B 9 -1.84 -4.32 -2.85
N PHE B 10 -2.10 -5.47 -3.47
CA PHE B 10 -1.05 -6.20 -4.17
C PHE B 10 -0.46 -5.37 -5.28
N ALA B 11 -1.31 -4.65 -6.03
CA ALA B 11 -0.81 -3.77 -7.08
C ALA B 11 0.05 -2.65 -6.52
N TYR B 12 -0.28 -2.16 -5.32
CA TYR B 12 0.52 -1.10 -4.71
C TYR B 12 1.85 -1.63 -4.18
N LEU B 13 1.82 -2.81 -3.56
CA LEU B 13 3.07 -3.40 -3.06
C LEU B 13 3.97 -3.82 -4.21
N LEU B 14 3.40 -4.45 -5.24
CA LEU B 14 4.19 -4.83 -6.41
C LEU B 14 4.73 -3.60 -7.12
N GLY B 15 3.92 -2.56 -7.26
CA GLY B 15 4.38 -1.32 -7.85
C GLY B 15 5.44 -0.62 -7.03
N SER B 16 5.50 -0.88 -5.73
CA SER B 16 6.47 -0.25 -4.85
C SER B 16 7.89 -0.80 -5.04
N ILE B 17 8.07 -1.82 -5.87
CA ILE B 17 9.41 -2.35 -6.17
C ILE B 17 9.92 -1.56 -7.36
N THR B 18 10.50 -0.39 -7.09
CA THR B 18 11.16 0.40 -8.13
C THR B 18 12.45 -0.32 -8.52
N PHE B 19 12.41 -1.08 -9.62
CA PHE B 19 13.49 -1.98 -9.95
C PHE B 19 14.76 -1.26 -10.37
N GLY B 20 14.66 -0.01 -10.82
CA GLY B 20 15.87 0.76 -11.09
C GLY B 20 16.69 1.01 -9.84
N GLU B 21 16.01 1.22 -8.70
CA GLU B 21 16.71 1.45 -7.45
C GLU B 21 17.35 0.16 -6.93
N VAL B 22 16.70 -0.98 -7.12
CA VAL B 22 17.25 -2.24 -6.66
C VAL B 22 18.45 -2.65 -7.51
N ILE B 23 18.34 -2.51 -8.83
CA ILE B 23 19.41 -2.95 -9.71
C ILE B 23 20.63 -2.04 -9.58
N ALA B 24 20.41 -0.72 -9.50
CA ALA B 24 21.52 0.20 -9.37
C ALA B 24 22.24 0.03 -8.04
N LYS B 25 21.52 -0.36 -6.99
CA LYS B 25 22.15 -0.57 -5.69
C LYS B 25 23.13 -1.73 -5.73
N LEU B 26 22.74 -2.85 -6.33
CA LEU B 26 23.63 -3.99 -6.45
C LEU B 26 24.73 -3.76 -7.47
N LYS B 27 24.51 -2.90 -8.45
CA LYS B 27 25.58 -2.45 -9.33
C LYS B 27 26.43 -1.35 -8.70
N GLY B 28 26.06 -0.89 -7.49
CA GLY B 28 26.84 0.08 -6.76
C GLY B 28 26.52 1.53 -7.05
N VAL B 29 25.67 1.82 -8.02
CA VAL B 29 25.43 3.18 -8.48
C VAL B 29 24.34 3.83 -7.64
N ASP B 30 24.54 5.11 -7.32
CA ASP B 30 23.55 5.92 -6.62
C ASP B 30 22.83 6.77 -7.67
N LEU B 31 21.58 6.42 -7.97
CA LEU B 31 20.83 7.14 -8.98
C LEU B 31 20.55 8.59 -8.60
N ARG B 32 20.62 8.92 -7.30
CA ARG B 32 20.34 10.28 -6.86
C ARG B 32 21.33 11.27 -7.44
N ASN B 33 22.57 10.84 -7.69
CA ASN B 33 23.62 11.73 -8.17
C ASN B 33 23.78 11.72 -9.68
N VAL B 34 23.05 10.85 -10.39
CA VAL B 34 23.19 10.72 -11.83
C VAL B 34 22.03 11.44 -12.50
N GLY B 35 22.33 12.18 -13.56
CA GLY B 35 21.33 12.80 -14.42
C GLY B 35 20.23 13.54 -13.70
N SER B 36 19.00 13.04 -13.83
CA SER B 36 17.85 13.66 -13.18
C SER B 36 17.67 13.23 -11.73
N GLY B 37 18.39 12.20 -11.28
CA GLY B 37 18.14 11.62 -9.98
C GLY B 37 16.97 10.68 -9.92
N ASN B 38 16.24 10.52 -11.02
CA ASN B 38 15.08 9.64 -11.06
C ASN B 38 15.51 8.18 -10.99
N VAL B 39 14.62 7.33 -10.50
CA VAL B 39 14.92 5.92 -10.31
C VAL B 39 14.40 5.11 -11.49
N GLY B 40 13.89 5.79 -12.52
CA GLY B 40 13.23 5.14 -13.63
C GLY B 40 14.18 4.73 -14.74
N ALA B 41 13.58 4.13 -15.77
CA ALA B 41 14.36 3.53 -16.85
C ALA B 41 15.23 4.54 -17.57
N THR B 42 14.73 5.77 -17.74
CA THR B 42 15.49 6.78 -18.47
C THR B 42 16.78 7.13 -17.75
N ASN B 43 16.72 7.30 -16.43
CA ASN B 43 17.92 7.65 -15.67
C ASN B 43 18.79 6.43 -15.39
N VAL B 44 18.19 5.24 -15.32
CA VAL B 44 18.99 4.02 -15.22
C VAL B 44 19.85 3.85 -16.47
N THR B 45 19.33 4.29 -17.63
CA THR B 45 20.12 4.25 -18.85
C THR B 45 21.35 5.13 -18.75
N ARG B 46 21.20 6.35 -18.22
CA ARG B 46 22.34 7.24 -18.05
C ARG B 46 23.36 6.66 -17.09
N ALA B 47 22.89 6.05 -16.00
CA ALA B 47 23.80 5.60 -14.94
C ALA B 47 24.43 4.25 -15.26
N LEU B 48 23.69 3.34 -15.91
CA LEU B 48 24.15 1.97 -16.09
C LEU B 48 24.30 1.54 -17.54
N GLY B 49 23.73 2.27 -18.49
CA GLY B 49 23.77 1.88 -19.88
C GLY B 49 22.44 1.33 -20.36
N LYS B 50 22.27 1.34 -21.68
CA LYS B 50 20.99 0.98 -22.28
C LYS B 50 20.63 -0.48 -22.07
N LYS B 51 21.59 -1.32 -21.67
CA LYS B 51 21.26 -2.71 -21.37
C LYS B 51 20.44 -2.82 -20.09
N TYR B 52 20.76 -2.00 -19.08
CA TYR B 52 20.02 -2.03 -17.83
C TYR B 52 18.77 -1.16 -17.89
N GLY B 53 18.77 -0.14 -18.75
CA GLY B 53 17.57 0.69 -18.90
C GLY B 53 16.40 -0.09 -19.48
N VAL B 54 16.67 -0.93 -20.48
CA VAL B 54 15.60 -1.72 -21.07
C VAL B 54 15.10 -2.78 -20.09
N LEU B 55 16.00 -3.32 -19.26
CA LEU B 55 15.57 -4.29 -18.25
C LEU B 55 14.67 -3.64 -17.22
N VAL B 56 15.02 -2.44 -16.77
CA VAL B 56 14.21 -1.73 -15.79
C VAL B 56 12.86 -1.34 -16.39
N PHE B 57 12.86 -0.89 -17.65
CA PHE B 57 11.61 -0.56 -18.31
C PHE B 57 10.67 -1.76 -18.35
N PHE B 58 11.21 -2.95 -18.60
CA PHE B 58 10.38 -4.14 -18.70
C PHE B 58 9.80 -4.53 -17.34
N LEU B 59 10.62 -4.49 -16.29
CA LEU B 59 10.15 -4.87 -14.97
C LEU B 59 9.13 -3.87 -14.44
N ASP B 60 9.43 -2.57 -14.53
CA ASP B 60 8.46 -1.56 -14.16
C ASP B 60 7.20 -1.66 -15.01
N PHE B 61 7.34 -2.08 -16.27
CA PHE B 61 6.18 -2.32 -17.12
C PHE B 61 5.33 -3.45 -16.57
N LEU B 62 5.98 -4.52 -16.10
CA LEU B 62 5.25 -5.72 -15.69
C LEU B 62 4.41 -5.46 -14.45
N LYS B 63 4.92 -4.68 -13.48
CA LYS B 63 4.21 -4.47 -12.23
C LYS B 63 2.95 -3.62 -12.40
N GLY B 64 2.74 -3.03 -13.59
CA GLY B 64 1.48 -2.38 -13.88
C GLY B 64 0.62 -3.24 -14.77
N PHE B 65 1.27 -4.10 -15.57
CA PHE B 65 0.56 -4.97 -16.49
C PHE B 65 -0.06 -6.16 -15.76
N ILE B 66 0.72 -6.82 -14.89
CA ILE B 66 0.22 -8.01 -14.21
C ILE B 66 -0.99 -7.72 -13.34
N PRO B 67 -1.00 -6.70 -12.46
CA PRO B 67 -2.21 -6.45 -11.67
C PRO B 67 -3.38 -5.98 -12.50
N ALA B 68 -3.15 -5.10 -13.48
CA ALA B 68 -4.26 -4.61 -14.30
C ALA B 68 -4.89 -5.73 -15.12
N LEU B 69 -4.08 -6.68 -15.58
CA LEU B 69 -4.63 -7.82 -16.31
C LEU B 69 -5.49 -8.69 -15.42
N ILE B 70 -5.04 -8.94 -14.19
CA ILE B 70 -5.82 -9.73 -13.25
C ILE B 70 -7.16 -9.06 -12.97
N ALA B 71 -7.16 -7.73 -12.85
CA ALA B 71 -8.42 -7.01 -12.64
C ALA B 71 -9.34 -7.13 -13.84
N VAL B 72 -8.79 -7.11 -15.05
CA VAL B 72 -9.60 -7.20 -16.26
C VAL B 72 -10.26 -8.57 -16.35
N LYS B 73 -9.47 -9.63 -16.14
CA LYS B 73 -10.01 -10.98 -16.23
C LYS B 73 -10.98 -11.29 -15.10
N SER B 74 -10.80 -10.67 -13.94
CA SER B 74 -11.62 -10.99 -12.77
C SER B 74 -12.88 -10.14 -12.70
N PHE B 75 -12.75 -8.83 -12.86
CA PHE B 75 -13.86 -7.91 -12.63
C PHE B 75 -14.42 -7.29 -13.90
N GLY B 76 -13.75 -7.42 -15.03
CA GLY B 76 -14.26 -6.79 -16.24
C GLY B 76 -13.64 -5.43 -16.48
N ILE B 77 -13.55 -5.07 -17.76
CA ILE B 77 -12.82 -3.86 -18.14
C ILE B 77 -13.52 -2.61 -17.63
N ASP B 78 -14.83 -2.66 -17.41
CA ASP B 78 -15.58 -1.50 -16.96
C ASP B 78 -15.76 -1.45 -15.45
N SER B 79 -15.01 -2.26 -14.70
CA SER B 79 -15.08 -2.27 -13.25
C SER B 79 -14.14 -1.22 -12.67
N TRP B 80 -14.61 -0.54 -11.62
CA TRP B 80 -13.76 0.44 -10.96
C TRP B 80 -12.65 -0.20 -10.15
N VAL B 81 -12.68 -1.53 -9.98
CA VAL B 81 -11.55 -2.23 -9.38
C VAL B 81 -10.31 -2.06 -10.26
N LEU B 82 -10.48 -2.20 -11.57
CA LEU B 82 -9.38 -1.95 -12.50
C LEU B 82 -8.88 -0.51 -12.38
N THR B 83 -9.81 0.43 -12.27
CA THR B 83 -9.44 1.84 -12.09
C THR B 83 -8.47 2.00 -10.93
N PHE B 84 -8.81 1.45 -9.78
CA PHE B 84 -7.98 1.61 -8.59
C PHE B 84 -6.81 0.63 -8.56
N THR B 85 -6.89 -0.48 -9.28
CA THR B 85 -5.73 -1.36 -9.40
C THR B 85 -4.63 -0.68 -10.21
N GLY B 86 -4.97 -0.17 -11.39
CA GLY B 86 -3.98 0.53 -12.19
C GLY B 86 -3.42 1.75 -11.49
N LEU B 87 -4.27 2.49 -10.78
CA LEU B 87 -3.78 3.62 -9.98
C LEU B 87 -2.83 3.15 -8.89
N ALA B 88 -3.13 2.00 -8.27
CA ALA B 88 -2.29 1.50 -7.19
C ALA B 88 -0.89 1.13 -7.69
N SER B 89 -0.81 0.54 -8.89
CA SER B 89 0.49 0.18 -9.44
C SER B 89 1.31 1.42 -9.77
N VAL B 90 0.66 2.47 -10.27
CA VAL B 90 1.37 3.70 -10.60
C VAL B 90 1.73 4.47 -9.34
N LEU B 91 0.82 4.50 -8.35
CA LEU B 91 1.13 5.18 -7.10
C LEU B 91 2.18 4.42 -6.30
N GLY B 92 2.26 3.10 -6.46
CA GLY B 92 3.32 2.34 -5.83
C GLY B 92 4.68 2.68 -6.41
N HIS B 93 4.75 2.93 -7.72
CA HIS B 93 6.01 3.31 -8.33
C HIS B 93 6.40 4.73 -7.94
N MET B 94 5.43 5.65 -7.89
CA MET B 94 5.74 7.04 -7.54
C MET B 94 6.09 7.18 -6.07
N TYR B 95 5.36 6.46 -5.20
CA TYR B 95 5.55 6.54 -3.75
C TYR B 95 5.72 5.13 -3.21
N PRO B 96 6.92 4.55 -3.35
CA PRO B 96 7.13 3.16 -2.93
C PRO B 96 7.14 3.03 -1.41
N VAL B 97 6.33 2.10 -0.90
CA VAL B 97 6.25 1.88 0.54
C VAL B 97 7.57 1.36 1.09
N PHE B 98 8.43 0.79 0.24
CA PHE B 98 9.68 0.21 0.71
C PHE B 98 10.76 1.26 0.91
N PHE B 99 10.90 2.20 -0.03
CA PHE B 99 12.02 3.14 -0.06
C PHE B 99 11.64 4.51 0.46
N GLY B 100 10.78 4.58 1.48
CA GLY B 100 10.41 5.87 2.04
C GLY B 100 9.56 6.73 1.15
N PHE B 101 8.81 6.11 0.23
CA PHE B 101 7.87 6.82 -0.64
C PHE B 101 8.60 7.80 -1.57
N LYS B 102 9.78 7.40 -2.04
CA LYS B 102 10.57 8.21 -2.97
C LYS B 102 10.84 7.36 -4.21
N GLY B 103 9.99 7.51 -5.22
CA GLY B 103 10.10 6.73 -6.43
C GLY B 103 10.19 7.57 -7.69
N GLY B 104 9.69 7.04 -8.79
CA GLY B 104 9.82 7.65 -10.09
C GLY B 104 8.59 8.41 -10.52
N LYS B 105 8.40 8.50 -11.84
CA LYS B 105 7.32 9.27 -12.43
C LYS B 105 6.26 8.40 -13.08
N GLY B 106 6.45 7.08 -13.07
CA GLY B 106 5.38 6.14 -13.37
C GLY B 106 5.02 5.96 -14.83
N VAL B 107 5.91 6.30 -15.75
CA VAL B 107 5.57 6.21 -17.16
C VAL B 107 5.58 4.76 -17.66
N ALA B 108 6.59 3.98 -17.24
CA ALA B 108 6.66 2.59 -17.67
C ALA B 108 5.55 1.76 -17.05
N THR B 109 5.27 1.97 -15.75
CA THR B 109 4.21 1.21 -15.09
C THR B 109 2.85 1.57 -15.66
N ALA B 110 2.62 2.84 -15.99
CA ALA B 110 1.36 3.24 -16.59
C ALA B 110 1.17 2.62 -17.95
N LEU B 111 2.26 2.51 -18.74
CA LEU B 111 2.17 1.82 -20.02
C LEU B 111 1.84 0.35 -19.84
N GLY B 112 2.31 -0.25 -18.74
CA GLY B 112 1.93 -1.63 -18.45
C GLY B 112 0.45 -1.76 -18.17
N VAL B 113 -0.12 -0.79 -17.45
CA VAL B 113 -1.55 -0.81 -17.18
C VAL B 113 -2.34 -0.65 -18.47
N VAL B 114 -1.95 0.31 -19.31
CA VAL B 114 -2.65 0.52 -20.57
C VAL B 114 -2.55 -0.72 -21.46
N PHE B 115 -1.41 -1.40 -21.44
CA PHE B 115 -1.25 -2.60 -22.24
C PHE B 115 -2.25 -3.68 -21.83
N ALA B 116 -2.44 -3.87 -20.53
CA ALA B 116 -3.42 -4.85 -20.06
C ALA B 116 -4.84 -4.46 -20.46
N VAL B 117 -5.11 -3.16 -20.55
CA VAL B 117 -6.43 -2.70 -20.98
C VAL B 117 -6.57 -2.78 -22.49
N SER B 118 -5.55 -2.34 -23.21
CA SER B 118 -5.59 -2.33 -24.67
C SER B 118 -4.18 -2.33 -25.23
N PRO B 119 -3.68 -3.46 -25.73
CA PRO B 119 -2.40 -3.44 -26.44
C PRO B 119 -2.38 -2.42 -27.58
N SER B 120 -3.49 -2.30 -28.32
CA SER B 120 -3.57 -1.35 -29.42
C SER B 120 -3.18 0.05 -28.99
N VAL B 121 -3.78 0.54 -27.90
CA VAL B 121 -3.47 1.88 -27.41
C VAL B 121 -2.04 1.94 -26.89
N ALA B 122 -1.57 0.87 -26.25
CA ALA B 122 -0.23 0.85 -25.69
C ALA B 122 0.82 1.01 -26.79
N LEU B 123 0.68 0.25 -27.88
CA LEU B 123 1.66 0.33 -28.96
C LEU B 123 1.63 1.68 -29.65
N PHE B 124 0.44 2.27 -29.83
CA PHE B 124 0.35 3.59 -30.45
C PHE B 124 0.99 4.65 -29.57
N SER B 125 0.66 4.65 -28.28
CA SER B 125 1.26 5.61 -27.36
C SER B 125 2.77 5.45 -27.31
N PHE B 126 3.26 4.20 -27.37
CA PHE B 126 4.70 3.98 -27.43
C PHE B 126 5.28 4.47 -28.75
N LEU B 127 4.53 4.32 -29.84
CA LEU B 127 4.97 4.88 -31.11
C LEU B 127 4.98 6.40 -31.06
N VAL B 128 3.97 6.99 -30.41
CA VAL B 128 3.96 8.43 -30.20
C VAL B 128 5.15 8.85 -29.35
N TRP B 129 5.45 8.09 -28.29
CA TRP B 129 6.60 8.39 -27.45
C TRP B 129 7.90 8.29 -28.24
N LEU B 130 8.01 7.27 -29.10
CA LEU B 130 9.25 7.07 -29.85
C LEU B 130 9.48 8.19 -30.85
N GLY B 131 8.42 8.62 -31.54
CA GLY B 131 8.57 9.68 -32.52
C GLY B 131 8.98 11.00 -31.90
N ILE B 132 8.26 11.42 -30.85
CA ILE B 132 8.58 12.67 -30.18
C ILE B 132 10.01 12.64 -29.66
N PHE B 133 10.45 11.49 -29.15
CA PHE B 133 11.82 11.39 -28.65
C PHE B 133 12.84 11.50 -29.77
N LEU B 134 12.69 10.69 -30.82
CA LEU B 134 13.58 10.82 -31.97
C LEU B 134 13.54 12.23 -32.54
N TRP B 135 12.40 12.91 -32.39
CA TRP B 135 12.26 14.27 -32.92
C TRP B 135 13.10 15.26 -32.12
N LYS B 136 12.88 15.34 -30.81
CA LYS B 136 13.52 16.34 -29.97
C LYS B 136 14.52 15.78 -28.97
N ARG B 137 14.56 14.46 -28.78
CA ARG B 137 15.53 13.78 -27.92
C ARG B 137 15.41 14.18 -26.45
N TYR B 138 14.23 14.65 -26.04
CA TYR B 138 13.88 14.81 -24.63
C TYR B 138 12.92 13.69 -24.28
N VAL B 139 13.36 12.77 -23.42
CA VAL B 139 12.48 11.68 -22.99
C VAL B 139 11.27 12.24 -22.25
N SER B 140 11.47 13.26 -21.43
CA SER B 140 10.37 13.82 -20.65
C SER B 140 9.30 14.41 -21.54
N LEU B 141 9.70 15.09 -22.62
CA LEU B 141 8.72 15.66 -23.54
C LEU B 141 7.96 14.56 -24.28
N ALA B 142 8.65 13.48 -24.64
CA ALA B 142 7.97 12.35 -25.26
C ALA B 142 7.02 11.67 -24.30
N SER B 143 7.44 11.50 -23.03
CA SER B 143 6.58 10.85 -22.06
C SER B 143 5.33 11.68 -21.78
N ILE B 144 5.48 12.99 -21.65
CA ILE B 144 4.33 13.86 -21.44
C ILE B 144 3.39 13.80 -22.63
N THR B 145 3.95 13.88 -23.84
CA THR B 145 3.11 13.84 -25.05
C THR B 145 2.40 12.50 -25.19
N ALA B 146 3.14 11.40 -25.02
CA ALA B 146 2.54 10.08 -25.15
C ALA B 146 1.51 9.82 -24.06
N THR B 147 1.71 10.41 -22.87
CA THR B 147 0.72 10.26 -21.81
C THR B 147 -0.60 10.93 -22.20
N ILE B 148 -0.52 12.12 -22.81
CA ILE B 148 -1.73 12.81 -23.24
C ILE B 148 -2.37 12.10 -24.42
N SER B 149 -1.55 11.59 -25.35
CA SER B 149 -2.08 10.87 -26.49
CA SER B 149 -2.08 10.87 -26.49
C SER B 149 -2.69 9.54 -26.06
N ALA B 150 -2.16 8.91 -25.01
CA ALA B 150 -2.74 7.67 -24.52
C ALA B 150 -4.16 7.88 -24.02
N PHE B 151 -4.40 9.01 -23.35
CA PHE B 151 -5.76 9.32 -22.91
C PHE B 151 -6.69 9.59 -24.09
N LEU B 152 -6.21 10.36 -25.07
CA LEU B 152 -7.03 10.67 -26.23
C LEU B 152 -7.35 9.41 -27.03
N PHE B 153 -6.41 8.47 -27.09
CA PHE B 153 -6.67 7.23 -27.83
C PHE B 153 -7.76 6.41 -27.17
N LEU B 154 -7.74 6.29 -25.83
CA LEU B 154 -8.77 5.53 -25.14
C LEU B 154 -10.14 6.17 -25.31
N PHE B 155 -10.19 7.51 -25.31
CA PHE B 155 -11.47 8.21 -25.45
C PHE B 155 -12.08 7.95 -26.82
N VAL B 156 -11.31 8.20 -27.88
CA VAL B 156 -11.83 8.01 -29.23
C VAL B 156 -12.19 6.55 -29.48
N ALA B 157 -11.44 5.61 -28.88
CA ALA B 157 -11.72 4.18 -29.07
C ALA B 157 -12.96 3.71 -28.31
N GLY B 158 -13.58 4.58 -27.49
CA GLY B 158 -14.82 4.23 -26.82
C GLY B 158 -14.66 3.45 -25.54
N TYR B 159 -13.64 3.80 -24.73
CA TYR B 159 -13.46 3.03 -23.50
C TYR B 159 -14.29 3.62 -22.37
N PRO B 160 -14.70 2.79 -21.42
CA PRO B 160 -15.68 3.24 -20.42
C PRO B 160 -15.13 4.30 -19.49
N VAL B 161 -16.04 4.91 -18.73
CA VAL B 161 -15.69 6.06 -17.90
C VAL B 161 -14.77 5.64 -16.76
N ASN B 162 -14.80 4.38 -16.34
CA ASN B 162 -13.88 3.92 -15.32
C ASN B 162 -12.46 3.86 -15.86
N VAL B 163 -12.31 3.49 -17.14
CA VAL B 163 -10.98 3.46 -17.75
C VAL B 163 -10.49 4.89 -18.00
N LEU B 164 -11.39 5.77 -18.45
CA LEU B 164 -11.00 7.16 -18.70
C LEU B 164 -10.61 7.87 -17.41
N PHE B 165 -11.36 7.63 -16.33
CA PHE B 165 -11.01 8.21 -15.04
C PHE B 165 -9.63 7.73 -14.59
N MET B 166 -9.36 6.44 -14.74
CA MET B 166 -8.04 5.90 -14.42
C MET B 166 -6.95 6.59 -15.24
N ALA B 167 -7.22 6.87 -16.52
CA ALA B 167 -6.21 7.48 -17.38
C ALA B 167 -5.99 8.94 -17.03
N ILE B 168 -7.06 9.67 -16.68
CA ILE B 168 -6.92 11.08 -16.33
C ILE B 168 -6.07 11.23 -15.07
N VAL B 169 -6.41 10.48 -14.02
CA VAL B 169 -5.69 10.61 -12.75
C VAL B 169 -4.24 10.16 -12.92
N ILE B 170 -4.02 9.05 -13.62
CA ILE B 170 -2.64 8.59 -13.87
C ILE B 170 -1.89 9.62 -14.71
N GLY B 171 -2.53 10.12 -15.77
CA GLY B 171 -1.89 11.11 -16.61
C GLY B 171 -1.60 12.41 -15.88
N ALA B 172 -2.57 12.89 -15.09
CA ALA B 172 -2.34 14.09 -14.30
C ALA B 172 -1.22 13.88 -13.28
N LEU B 173 -1.10 12.67 -12.74
CA LEU B 173 -0.01 12.39 -11.81
C LEU B 173 1.33 12.33 -12.53
N ILE B 174 1.36 11.79 -13.75
CA ILE B 174 2.61 11.69 -14.50
C ILE B 174 3.12 13.08 -14.85
N ILE B 175 2.24 13.95 -15.34
CA ILE B 175 2.65 15.31 -15.68
C ILE B 175 3.13 16.05 -14.43
N TYR B 176 2.45 15.83 -13.30
CA TYR B 176 2.85 16.49 -12.06
C TYR B 176 4.21 16.02 -11.60
N ARG B 177 4.51 14.72 -11.75
CA ARG B 177 5.83 14.21 -11.41
C ARG B 177 6.89 14.66 -12.40
N HIS B 178 6.51 15.29 -13.50
CA HIS B 178 7.45 15.82 -14.48
C HIS B 178 7.63 17.33 -14.35
N ARG B 179 7.09 17.93 -13.30
CA ARG B 179 7.17 19.39 -13.16
C ARG B 179 8.61 19.87 -13.06
N GLU B 180 9.51 19.03 -12.54
CA GLU B 180 10.93 19.38 -12.55
C GLU B 180 11.50 19.32 -13.95
N ASN B 181 11.09 18.31 -14.73
CA ASN B 181 11.48 18.25 -16.13
C ASN B 181 10.89 19.40 -16.93
N ILE B 182 9.63 19.76 -16.64
CA ILE B 182 8.99 20.88 -17.31
C ILE B 182 9.75 22.17 -17.02
N ASN B 183 10.09 22.40 -15.75
CA ASN B 183 10.87 23.57 -15.38
C ASN B 183 12.20 23.61 -16.12
N ARG B 184 12.83 22.44 -16.29
CA ARG B 184 14.12 22.39 -16.97
C ARG B 184 13.97 22.58 -18.47
N LEU B 185 12.87 22.08 -19.05
CA LEU B 185 12.64 22.27 -20.48
C LEU B 185 12.42 23.74 -20.81
N LEU B 186 11.64 24.44 -19.98
CA LEU B 186 11.38 25.86 -20.21
C LEU B 186 12.62 26.72 -20.02
N THR B 187 13.60 26.25 -19.23
CA THR B 187 14.80 27.01 -18.96
C THR B 187 16.01 26.47 -19.70
N GLY B 188 15.82 25.57 -20.65
CA GLY B 188 16.93 25.03 -21.42
C GLY B 188 17.94 24.26 -20.60
N ARG B 189 17.51 23.63 -19.51
CA ARG B 189 18.40 22.90 -18.64
C ARG B 189 18.12 21.40 -18.62
N GLU B 190 17.09 20.93 -19.32
CA GLU B 190 16.73 19.52 -19.27
C GLU B 190 17.80 18.66 -19.91
N HIS B 191 18.04 17.49 -19.31
CA HIS B 191 19.06 16.57 -19.80
C HIS B 191 18.64 15.96 -21.13
N ARG B 192 19.07 16.58 -22.22
CA ARG B 192 18.81 16.07 -23.57
C ARG B 192 19.57 14.77 -23.80
N PHE B 193 19.12 14.01 -24.79
CA PHE B 193 19.87 12.85 -25.26
C PHE B 193 20.51 13.15 -26.62
N GLY B 194 21.31 14.21 -26.67
CA GLY B 194 21.89 14.69 -27.91
C GLY B 194 23.04 13.85 -28.41
N THR B 195 23.79 14.43 -29.34
CA THR B 195 24.89 13.70 -29.98
C THR B 195 25.93 13.26 -28.95
N LEU B 196 26.31 14.17 -28.05
CA LEU B 196 27.35 13.84 -27.07
C LEU B 196 26.88 12.79 -26.09
N GLU B 197 25.61 12.86 -25.67
CA GLU B 197 25.11 11.97 -24.64
C GLU B 197 25.08 10.52 -25.11
N VAL B 198 24.51 10.27 -26.29
CA VAL B 198 24.45 8.90 -26.79
C VAL B 198 25.82 8.42 -27.25
N LEU B 199 26.67 9.32 -27.74
CA LEU B 199 28.02 8.94 -28.12
C LEU B 199 28.81 8.45 -26.92
N PHE B 200 28.76 9.19 -25.83
CA PHE B 200 29.48 8.82 -24.62
C PHE B 200 28.55 8.09 -23.65
#